data_3SV3
#
_entry.id   3SV3
#
_cell.length_a   108.545
_cell.length_b   108.545
_cell.length_c   90.978
_cell.angle_alpha   90.00
_cell.angle_beta   90.00
_cell.angle_gamma   120.00
#
_symmetry.space_group_name_H-M   'P 31 2 1'
#
loop_
_entity.id
_entity.type
_entity.pdbx_description
1 polymer 'DNA polymerase I, thermostable'
2 polymer "(5'-D(*GP*AP*CP*CP*AP*CP*GP*GP*CP*GP*CP*(DOC))-3')"
3 polymer "(5'-D(*AP*AP*AP*(BMN)P*GP*GP*CP*GP*CP*CP*GP*TP*GP*GP*TP*C)-3')"
4 non-polymer 2-{2-deoxy-5-O-[(R)-hydroxy{[(R)-hydroxy(phosphonooxy)phosphoryl]oxy}phosphoryl]-beta-D-erythro-pentofuranosyl}-6-methylisoquinoline-1(2H)-thione
5 non-polymer 'MAGNESIUM ION'
6 non-polymer GLYCEROL
7 non-polymer 'FORMIC ACID'
8 water water
#
loop_
_entity_poly.entity_id
_entity_poly.type
_entity_poly.pdbx_seq_one_letter_code
_entity_poly.pdbx_strand_id
1 'polypeptide(L)'
;ALEEAPWPPPEGAFVGFVLSRKEPMWADLLALAAARGGRVHRAPEPYKALRDLKEARGLLAKDLSVLALREGLGLPPGDD
PMLLAYLLDPSNTTPEGVARRYGGEWTEEAGERAALSERLFANLWGRLEGEERLLWLYREVERPLSAVLAHMEATGVRLD
VAYLRALSLEVAEEIARLEAEVFRLAGHPFNLNSRDQLERVLFDELGLPAIGKTEKTGKRSTSAAVLEALREAHPIVEKI
LQYRELTKLKSTYIDPLPDLIHPRTGRLHTRFNQTATATGRLSSSDPNLQNIPVRTPLGQRIRRAFIAEEGWLLVALDYS
QIELRVLAHLSGDENLIRVFQEGRDIHTETASWMFGVPREAVDPLMRRAAKTINFGVLYGMSAHRLSQELAIPYEEAQAF
IERYFQSFPKVRAWIEKTLEEGRRRGYVETLFGRRRYVPDLEARVKSVREAAERMAFNMPVQGTAADLMKLAMVKLFPRL
EEMGARMLLQVHDELVLEAPKERAEAVARLAKEVMEGVYPLAVPLEVEVGIGEDWLSAKE
;
A
2 'polydeoxyribonucleotide' (DG)(DA)(DC)(DC)(DA)(DC)(DG)(DG)(DC)(DG)(DC)(DOC) B
3 'polydeoxyribonucleotide' (DA)(DA)(DA)(BMN)(DG)(DG)(DC)(DG)(DC)(DC)(DG)(DT)(DG)(DG)(DT)(DC) C
#
loop_
_chem_comp.id
_chem_comp.type
_chem_comp.name
_chem_comp.formula
5SI non-polymer 2-{2-deoxy-5-O-[(R)-hydroxy{[(R)-hydroxy(phosphonooxy)phosphoryl]oxy}phosphoryl]-beta-D-erythro-pentofuranosyl}-6-methylisoquinoline-1(2H)-thione 'C15 H20 N O12 P3 S'
BMN DNA linking (1R)-1,4-anhydro-2-deoxy-1-(3-methoxynaphthalen-2-yl)-5-O-phosphono-D-erythro-pentitol 'C16 H19 O7 P'
DA DNA linking 2'-DEOXYADENOSINE-5'-MONOPHOSPHATE 'C10 H14 N5 O6 P'
DC DNA linking 2'-DEOXYCYTIDINE-5'-MONOPHOSPHATE 'C9 H14 N3 O7 P'
DG DNA linking 2'-DEOXYGUANOSINE-5'-MONOPHOSPHATE 'C10 H14 N5 O7 P'
DOC DNA linking 2',3'-DIDEOXYCYTIDINE-5'-MONOPHOSPHATE 'C9 H14 N3 O6 P'
DT DNA linking THYMIDINE-5'-MONOPHOSPHATE 'C10 H15 N2 O8 P'
FMT non-polymer 'FORMIC ACID' 'C H2 O2'
GOL non-polymer GLYCEROL 'C3 H8 O3'
MG non-polymer 'MAGNESIUM ION' 'Mg 2'
#
# COMPACT_ATOMS: atom_id res chain seq x y z
N ALA A 1 -3.57 23.18 -33.78
CA ALA A 1 -4.71 22.28 -33.93
C ALA A 1 -5.96 22.89 -33.33
N LEU A 2 -6.06 22.84 -32.00
CA LEU A 2 -7.27 23.28 -31.31
C LEU A 2 -7.45 24.81 -31.33
N GLU A 3 -8.72 25.22 -31.36
CA GLU A 3 -9.11 26.64 -31.40
C GLU A 3 -9.13 27.26 -30.00
N GLU A 4 -8.45 28.39 -29.83
CA GLU A 4 -8.41 29.08 -28.55
C GLU A 4 -9.74 29.76 -28.27
N ALA A 5 -10.33 29.49 -27.12
CA ALA A 5 -11.58 30.13 -26.74
C ALA A 5 -11.45 30.65 -25.31
N PRO A 6 -12.22 31.69 -24.98
CA PRO A 6 -12.16 32.31 -23.65
C PRO A 6 -12.65 31.37 -22.56
N TRP A 7 -12.01 31.43 -21.40
CA TRP A 7 -12.53 30.74 -20.22
C TRP A 7 -13.87 31.39 -19.91
N PRO A 8 -14.86 30.60 -19.43
CA PRO A 8 -14.80 29.21 -18.99
C PRO A 8 -15.22 28.20 -20.06
N PRO A 9 -14.81 26.93 -19.88
CA PRO A 9 -15.12 25.88 -20.85
C PRO A 9 -16.57 25.44 -20.71
N PRO A 10 -17.10 24.73 -21.71
CA PRO A 10 -18.45 24.21 -21.51
C PRO A 10 -18.41 23.06 -20.51
N GLU A 11 -19.57 22.63 -20.03
CA GLU A 11 -19.63 21.50 -19.12
C GLU A 11 -19.15 20.21 -19.81
N GLY A 12 -18.49 19.34 -19.05
CA GLY A 12 -18.00 18.09 -19.59
C GLY A 12 -16.61 18.19 -20.20
N ALA A 13 -16.04 19.39 -20.22
CA ALA A 13 -14.72 19.58 -20.78
C ALA A 13 -13.68 18.79 -19.97
N PHE A 14 -12.57 18.46 -20.62
CA PHE A 14 -11.45 17.82 -19.95
C PHE A 14 -10.48 18.89 -19.47
N VAL A 15 -9.95 18.73 -18.26
CA VAL A 15 -9.02 19.70 -17.68
CA VAL A 15 -9.02 19.71 -17.70
C VAL A 15 -7.56 19.31 -17.83
N GLY A 16 -6.71 20.31 -17.99
CA GLY A 16 -5.27 20.15 -17.91
C GLY A 16 -4.81 21.14 -16.87
N PHE A 17 -3.74 20.84 -16.13
CA PHE A 17 -3.33 21.70 -15.04
C PHE A 17 -1.90 21.43 -14.63
N VAL A 18 -1.21 22.48 -14.19
CA VAL A 18 0.20 22.40 -13.80
C VAL A 18 0.40 22.77 -12.32
N LEU A 19 1.10 21.90 -11.59
CA LEU A 19 1.38 22.14 -10.17
C LEU A 19 2.84 22.50 -9.99
N SER A 20 3.15 23.33 -8.99
CA SER A 20 4.53 23.69 -8.70
C SER A 20 5.28 22.49 -8.15
N ARG A 21 4.52 21.50 -7.68
CA ARG A 21 5.11 20.30 -7.15
C ARG A 21 4.05 19.19 -7.13
N LYS A 22 4.50 17.96 -6.97
CA LYS A 22 3.65 16.79 -7.24
C LYS A 22 2.54 16.61 -6.20
N GLU A 23 2.78 17.08 -4.96
CA GLU A 23 1.81 16.86 -3.88
C GLU A 23 0.67 17.88 -3.93
N PRO A 24 -0.55 17.45 -4.29
CA PRO A 24 -1.64 18.42 -4.44
C PRO A 24 -1.90 19.26 -3.19
N MET A 25 -1.62 18.74 -2.01
CA MET A 25 -1.89 19.49 -0.79
C MET A 25 -0.86 20.58 -0.53
N TRP A 26 0.28 20.52 -1.22
CA TRP A 26 1.34 21.51 -1.01
C TRP A 26 1.58 22.38 -2.25
N ALA A 27 0.96 22.01 -3.35
CA ALA A 27 1.27 22.63 -4.63
C ALA A 27 0.58 23.98 -4.80
N ASP A 28 1.27 24.85 -5.51
CA ASP A 28 0.67 26.05 -6.06
C ASP A 28 0.09 25.68 -7.44
N LEU A 29 -1.17 26.03 -7.68
CA LEU A 29 -1.75 25.78 -9.00
C LEU A 29 -1.27 26.83 -10.01
N LEU A 30 -0.31 26.46 -10.85
CA LEU A 30 0.34 27.41 -11.75
C LEU A 30 -0.50 27.73 -12.99
N ALA A 31 -1.21 26.74 -13.50
CA ALA A 31 -2.01 26.97 -14.71
C ALA A 31 -3.10 25.93 -14.87
N LEU A 32 -4.17 26.32 -15.54
CA LEU A 32 -5.39 25.52 -15.64
C LEU A 32 -6.05 25.80 -16.98
N ALA A 33 -6.38 24.73 -17.70
CA ALA A 33 -6.97 24.81 -19.03
C ALA A 33 -8.03 23.72 -19.16
N ALA A 34 -8.90 23.85 -20.17
CA ALA A 34 -9.91 22.84 -20.41
C ALA A 34 -10.17 22.69 -21.91
N ALA A 35 -10.37 21.45 -22.35
CA ALA A 35 -10.50 21.15 -23.78
C ALA A 35 -11.82 20.45 -24.09
N ARG A 36 -12.54 20.92 -25.10
CA ARG A 36 -13.74 20.26 -25.57
C ARG A 36 -14.13 20.74 -26.96
N GLY A 37 -14.64 19.83 -27.79
CA GLY A 37 -15.19 20.19 -29.08
C GLY A 37 -14.22 20.96 -29.95
N GLY A 38 -12.95 20.55 -29.95
CA GLY A 38 -11.93 21.20 -30.76
C GLY A 38 -11.66 22.61 -30.28
N ARG A 39 -11.73 22.79 -28.96
CA ARG A 39 -11.44 24.07 -28.37
C ARG A 39 -10.60 23.85 -27.12
N VAL A 40 -9.72 24.81 -26.83
CA VAL A 40 -8.99 24.83 -25.58
C VAL A 40 -9.30 26.18 -24.91
N HIS A 41 -9.56 26.13 -23.60
CA HIS A 41 -9.85 27.35 -22.84
C HIS A 41 -8.78 27.48 -21.75
N ARG A 42 -8.03 28.56 -21.77
CA ARG A 42 -6.98 28.76 -20.78
C ARG A 42 -7.41 29.75 -19.73
N ALA A 43 -7.41 29.31 -18.47
CA ALA A 43 -7.85 30.14 -17.36
C ALA A 43 -6.85 31.26 -17.08
N PRO A 44 -7.31 32.52 -17.20
CA PRO A 44 -6.46 33.69 -16.91
C PRO A 44 -5.85 33.64 -15.52
N GLU A 45 -6.67 33.30 -14.52
CA GLU A 45 -6.21 33.14 -13.15
C GLU A 45 -6.66 31.78 -12.61
N PRO A 46 -5.72 30.82 -12.51
CA PRO A 46 -6.12 29.44 -12.21
C PRO A 46 -7.04 29.29 -10.99
N TYR A 47 -6.70 29.91 -9.88
CA TYR A 47 -7.44 29.67 -8.64
C TYR A 47 -8.91 30.09 -8.76
N LYS A 48 -9.15 31.32 -9.21
CA LYS A 48 -10.53 31.77 -9.43
C LYS A 48 -11.25 30.82 -10.40
N ALA A 49 -10.58 30.51 -11.51
CA ALA A 49 -11.15 29.66 -12.55
C ALA A 49 -11.62 28.30 -12.01
N LEU A 50 -10.93 27.78 -11.01
CA LEU A 50 -11.34 26.52 -10.37
C LEU A 50 -12.83 26.50 -10.03
N ARG A 51 -13.34 27.65 -9.60
CA ARG A 51 -14.74 27.77 -9.18
C ARG A 51 -15.76 27.46 -10.28
N ASP A 52 -15.36 27.58 -11.54
CA ASP A 52 -16.28 27.39 -12.66
C ASP A 52 -16.42 25.93 -13.06
N LEU A 53 -15.63 25.05 -12.45
CA LEU A 53 -15.70 23.64 -12.78
C LEU A 53 -16.74 22.94 -11.92
N LYS A 54 -17.42 21.96 -12.50
CA LYS A 54 -18.40 21.16 -11.79
C LYS A 54 -17.81 19.80 -11.47
N GLU A 55 -16.72 19.46 -12.15
CA GLU A 55 -16.09 18.15 -12.05
C GLU A 55 -14.66 18.27 -12.55
N ALA A 56 -13.75 17.47 -11.98
CA ALA A 56 -12.39 17.41 -12.49
C ALA A 56 -12.27 16.16 -13.37
N ARG A 57 -12.10 16.39 -14.67
CA ARG A 57 -12.21 15.35 -15.66
C ARG A 57 -10.95 15.37 -16.52
N GLY A 58 -10.12 14.35 -16.38
CA GLY A 58 -8.84 14.34 -17.07
C GLY A 58 -7.76 13.55 -16.36
N LEU A 59 -6.56 13.59 -16.95
CA LEU A 59 -5.42 12.94 -16.35
C LEU A 59 -5.21 13.47 -14.93
N LEU A 60 -4.97 12.55 -13.99
CA LEU A 60 -4.68 12.91 -12.60
C LEU A 60 -5.77 13.77 -11.97
N ALA A 61 -7.01 13.48 -12.36
CA ALA A 61 -8.14 14.27 -11.87
C ALA A 61 -8.15 14.37 -10.35
N LYS A 62 -7.80 13.29 -9.64
CA LYS A 62 -7.91 13.30 -8.18
C LYS A 62 -6.99 14.35 -7.57
N ASP A 63 -5.83 14.54 -8.16
CA ASP A 63 -4.87 15.53 -7.67
C ASP A 63 -5.46 16.94 -7.70
N LEU A 64 -6.19 17.26 -8.76
CA LEU A 64 -6.82 18.58 -8.87
C LEU A 64 -7.96 18.69 -7.87
N SER A 65 -8.70 17.60 -7.67
CA SER A 65 -9.81 17.57 -6.72
CA SER A 65 -9.81 17.59 -6.73
C SER A 65 -9.32 17.83 -5.30
N VAL A 66 -8.19 17.22 -4.96
CA VAL A 66 -7.61 17.39 -3.62
C VAL A 66 -7.27 18.86 -3.40
N LEU A 67 -6.62 19.45 -4.40
CA LEU A 67 -6.27 20.86 -4.34
C LEU A 67 -7.53 21.72 -4.27
N ALA A 68 -8.57 21.35 -5.02
CA ALA A 68 -9.82 22.08 -4.96
C ALA A 68 -10.41 22.01 -3.54
N LEU A 69 -10.43 20.81 -2.97
CA LEU A 69 -10.95 20.61 -1.61
C LEU A 69 -10.14 21.41 -0.60
N ARG A 70 -8.84 21.48 -0.83
CA ARG A 70 -7.96 22.20 0.07
C ARG A 70 -8.41 23.66 0.14
N GLU A 71 -8.93 24.15 -0.98
CA GLU A 71 -9.35 25.54 -1.10
C GLU A 71 -10.81 25.73 -0.73
N GLY A 72 -11.44 24.67 -0.21
CA GLY A 72 -12.83 24.74 0.22
C GLY A 72 -13.84 24.56 -0.90
N LEU A 73 -13.42 23.93 -2.00
CA LEU A 73 -14.31 23.69 -3.14
C LEU A 73 -14.62 22.20 -3.28
N GLY A 74 -15.91 21.87 -3.33
CA GLY A 74 -16.33 20.48 -3.54
C GLY A 74 -16.31 20.14 -5.01
N LEU A 75 -15.11 19.90 -5.55
CA LEU A 75 -14.94 19.60 -6.96
C LEU A 75 -14.54 18.13 -7.16
N PRO A 76 -15.53 17.24 -7.35
CA PRO A 76 -15.21 15.80 -7.39
C PRO A 76 -14.43 15.41 -8.64
N PRO A 77 -13.55 14.39 -8.51
CA PRO A 77 -12.87 13.88 -9.71
C PRO A 77 -13.81 13.00 -10.52
N GLY A 78 -13.65 12.99 -11.83
CA GLY A 78 -14.48 12.17 -12.68
C GLY A 78 -13.61 11.28 -13.55
N ASP A 79 -14.00 11.08 -14.80
CA ASP A 79 -13.19 10.32 -15.73
C ASP A 79 -11.72 10.73 -15.69
N ASP A 80 -10.83 9.73 -15.71
CA ASP A 80 -9.39 9.93 -15.74
C ASP A 80 -8.75 8.86 -16.63
N PRO A 81 -8.21 9.25 -17.79
CA PRO A 81 -7.58 8.25 -18.66
C PRO A 81 -6.57 7.34 -17.95
N MET A 82 -5.85 7.85 -16.94
CA MET A 82 -4.93 7.01 -16.18
C MET A 82 -5.61 5.75 -15.64
N LEU A 83 -6.83 5.89 -15.11
CA LEU A 83 -7.56 4.76 -14.56
C LEU A 83 -7.94 3.77 -15.66
N LEU A 84 -8.29 4.28 -16.84
CA LEU A 84 -8.65 3.40 -17.95
C LEU A 84 -7.42 2.59 -18.34
N ALA A 85 -6.29 3.29 -18.50
CA ALA A 85 -5.05 2.65 -18.91
C ALA A 85 -4.54 1.67 -17.85
N TYR A 86 -4.67 2.05 -16.59
CA TYR A 86 -4.21 1.20 -15.50
C TYR A 86 -5.00 -0.13 -15.51
N LEU A 87 -6.29 -0.07 -15.81
CA LEU A 87 -7.11 -1.28 -15.85
C LEU A 87 -6.76 -2.16 -17.05
N LEU A 88 -6.61 -1.55 -18.21
CA LEU A 88 -6.16 -2.30 -19.38
C LEU A 88 -4.86 -3.05 -19.07
N ASP A 89 -3.96 -2.41 -18.33
CA ASP A 89 -2.63 -2.95 -18.12
C ASP A 89 -1.95 -2.20 -16.95
N PRO A 90 -1.83 -2.86 -15.79
CA PRO A 90 -1.36 -2.12 -14.61
C PRO A 90 0.09 -1.68 -14.67
N SER A 91 0.79 -1.96 -15.78
CA SER A 91 2.12 -1.37 -15.96
C SER A 91 1.98 0.06 -16.47
N ASN A 92 0.76 0.49 -16.77
CA ASN A 92 0.46 1.87 -17.13
C ASN A 92 0.30 2.67 -15.84
N THR A 93 1.36 3.30 -15.37
CA THR A 93 1.35 3.91 -14.05
C THR A 93 1.67 5.41 -14.07
N THR A 94 2.22 5.91 -15.19
CA THR A 94 2.58 7.33 -15.27
C THR A 94 1.89 8.00 -16.44
N PRO A 95 1.58 9.30 -16.32
CA PRO A 95 1.02 9.96 -17.49
C PRO A 95 2.00 9.96 -18.67
N GLU A 96 3.30 9.98 -18.41
CA GLU A 96 4.27 9.99 -19.50
C GLU A 96 4.22 8.67 -20.29
N GLY A 97 4.13 7.54 -19.60
CA GLY A 97 4.08 6.25 -20.26
C GLY A 97 2.76 6.08 -21.00
N VAL A 98 1.67 6.44 -20.33
CA VAL A 98 0.34 6.30 -20.89
C VAL A 98 0.17 7.20 -22.12
N ALA A 99 0.66 8.43 -22.03
CA ALA A 99 0.62 9.37 -23.16
C ALA A 99 1.30 8.74 -24.36
N ARG A 100 2.53 8.29 -24.14
CA ARG A 100 3.36 7.79 -25.23
C ARG A 100 2.74 6.54 -25.86
N ARG A 101 2.09 5.74 -25.02
CA ARG A 101 1.52 4.48 -25.48
C ARG A 101 0.19 4.68 -26.21
N TYR A 102 -0.60 5.66 -25.78
CA TYR A 102 -1.98 5.78 -26.29
C TYR A 102 -2.35 7.05 -27.07
N GLY A 103 -1.39 7.91 -27.38
CA GLY A 103 -1.61 8.93 -28.40
C GLY A 103 -1.27 10.37 -28.10
N GLY A 104 -0.17 10.61 -27.38
CA GLY A 104 0.27 11.97 -27.15
C GLY A 104 1.60 12.08 -26.42
N GLU A 105 1.87 13.27 -25.91
CA GLU A 105 3.07 13.56 -25.15
C GLU A 105 2.68 14.32 -23.89
N TRP A 106 3.15 13.88 -22.73
CA TRP A 106 2.90 14.60 -21.47
C TRP A 106 3.86 15.78 -21.38
N THR A 107 3.32 17.00 -21.43
CA THR A 107 4.15 18.21 -21.42
C THR A 107 3.96 18.98 -20.12
N GLU A 108 4.39 20.24 -20.10
CA GLU A 108 4.29 21.06 -18.91
C GLU A 108 3.40 22.28 -19.11
N GLU A 109 2.51 22.19 -20.09
CA GLU A 109 1.58 23.29 -20.37
C GLU A 109 0.16 22.76 -20.15
N ALA A 110 -0.66 23.53 -19.44
CA ALA A 110 -1.97 23.03 -19.03
C ALA A 110 -2.93 22.83 -20.20
N GLY A 111 -2.81 23.69 -21.22
CA GLY A 111 -3.65 23.56 -22.40
C GLY A 111 -3.39 22.24 -23.14
N GLU A 112 -2.12 21.88 -23.27
CA GLU A 112 -1.73 20.65 -23.94
C GLU A 112 -2.12 19.42 -23.11
N ARG A 113 -2.05 19.55 -21.78
CA ARG A 113 -2.48 18.47 -20.90
C ARG A 113 -3.99 18.28 -21.00
N ALA A 114 -4.71 19.40 -21.22
CA ALA A 114 -6.15 19.34 -21.40
C ALA A 114 -6.49 18.60 -22.71
N ALA A 115 -5.89 19.06 -23.81
CA ALA A 115 -6.09 18.44 -25.11
C ALA A 115 -5.66 16.98 -25.08
N LEU A 116 -4.61 16.70 -24.33
CA LEU A 116 -4.10 15.34 -24.21
C LEU A 116 -5.11 14.44 -23.49
N SER A 117 -5.67 14.93 -22.39
CA SER A 117 -6.63 14.15 -21.61
C SER A 117 -7.79 13.76 -22.50
N GLU A 118 -8.27 14.71 -23.30
CA GLU A 118 -9.42 14.46 -24.16
C GLU A 118 -9.13 13.37 -25.17
N ARG A 119 -7.94 13.43 -25.77
CA ARG A 119 -7.54 12.48 -26.81
C ARG A 119 -7.31 11.09 -26.26
N LEU A 120 -6.56 11.03 -25.16
CA LEU A 120 -6.27 9.78 -24.51
C LEU A 120 -7.57 9.12 -24.05
N PHE A 121 -8.49 9.92 -23.53
CA PHE A 121 -9.73 9.34 -23.01
C PHE A 121 -10.49 8.73 -24.17
N ALA A 122 -10.65 9.47 -25.26
CA ALA A 122 -11.28 8.93 -26.44
C ALA A 122 -10.62 7.59 -26.82
N ASN A 123 -9.30 7.57 -26.91
CA ASN A 123 -8.62 6.37 -27.38
C ASN A 123 -8.79 5.23 -26.39
N LEU A 124 -8.59 5.50 -25.11
CA LEU A 124 -8.64 4.44 -24.11
C LEU A 124 -10.06 3.92 -23.89
N TRP A 125 -11.03 4.83 -23.93
CA TRP A 125 -12.43 4.46 -23.83
C TRP A 125 -12.73 3.44 -24.92
N GLY A 126 -12.23 3.67 -26.12
CA GLY A 126 -12.40 2.73 -27.22
C GLY A 126 -11.85 1.37 -26.85
N ARG A 127 -10.63 1.35 -26.33
CA ARG A 127 -9.94 0.09 -26.01
C ARG A 127 -10.67 -0.67 -24.90
N LEU A 128 -11.35 0.05 -24.02
CA LEU A 128 -11.94 -0.56 -22.83
C LEU A 128 -13.42 -0.86 -23.02
N GLU A 129 -13.98 -0.39 -24.13
CA GLU A 129 -15.41 -0.54 -24.39
C GLU A 129 -15.80 -2.01 -24.55
N GLY A 130 -14.95 -2.79 -25.21
CA GLY A 130 -15.23 -4.21 -25.42
C GLY A 130 -15.10 -5.06 -24.18
N GLU A 131 -14.40 -4.56 -23.17
CA GLU A 131 -14.01 -5.35 -22.01
C GLU A 131 -14.98 -5.13 -20.85
N GLU A 132 -16.04 -5.93 -20.82
CA GLU A 132 -17.13 -5.71 -19.88
CA GLU A 132 -17.14 -5.81 -19.87
C GLU A 132 -16.70 -5.72 -18.40
N ARG A 133 -15.83 -6.63 -17.99
CA ARG A 133 -15.49 -6.70 -16.58
C ARG A 133 -14.53 -5.58 -16.19
N LEU A 134 -13.66 -5.18 -17.11
CA LEU A 134 -12.79 -4.05 -16.83
C LEU A 134 -13.62 -2.78 -16.75
N LEU A 135 -14.66 -2.72 -17.57
CA LEU A 135 -15.58 -1.59 -17.57
C LEU A 135 -16.34 -1.49 -16.25
N TRP A 136 -16.72 -2.62 -15.69
CA TRP A 136 -17.40 -2.67 -14.40
C TRP A 136 -16.46 -2.19 -13.29
N LEU A 137 -15.21 -2.62 -13.34
CA LEU A 137 -14.23 -2.14 -12.39
C LEU A 137 -14.08 -0.64 -12.45
N TYR A 138 -13.99 -0.09 -13.66
CA TYR A 138 -13.86 1.36 -13.80
C TYR A 138 -15.07 2.07 -13.20
N ARG A 139 -16.27 1.67 -13.62
CA ARG A 139 -17.50 2.35 -13.21
C ARG A 139 -17.86 2.15 -11.75
N GLU A 140 -17.76 0.91 -11.27
CA GLU A 140 -18.24 0.57 -9.93
C GLU A 140 -17.14 0.71 -8.87
N VAL A 141 -15.88 0.79 -9.29
CA VAL A 141 -14.78 0.78 -8.32
C VAL A 141 -13.82 1.95 -8.50
N GLU A 142 -13.04 1.95 -9.57
CA GLU A 142 -11.96 2.92 -9.69
C GLU A 142 -12.47 4.36 -9.78
N ARG A 143 -13.43 4.64 -10.67
CA ARG A 143 -13.86 6.03 -10.82
C ARG A 143 -14.45 6.57 -9.52
N PRO A 144 -15.42 5.87 -8.92
CA PRO A 144 -15.90 6.38 -7.64
C PRO A 144 -14.82 6.39 -6.55
N LEU A 145 -13.96 5.37 -6.52
CA LEU A 145 -12.93 5.30 -5.50
C LEU A 145 -12.07 6.57 -5.52
N SER A 146 -11.79 7.08 -6.71
CA SER A 146 -10.92 8.25 -6.82
C SER A 146 -11.50 9.47 -6.06
N ALA A 147 -12.83 9.59 -6.04
CA ALA A 147 -13.49 10.64 -5.26
C ALA A 147 -13.27 10.44 -3.76
N VAL A 148 -13.43 9.20 -3.30
CA VAL A 148 -13.20 8.84 -1.90
C VAL A 148 -11.75 9.17 -1.50
N LEU A 149 -10.81 8.83 -2.37
CA LEU A 149 -9.40 9.05 -2.08
C LEU A 149 -9.09 10.54 -1.97
N ALA A 150 -9.71 11.35 -2.83
CA ALA A 150 -9.51 12.81 -2.77
C ALA A 150 -9.92 13.33 -1.40
N HIS A 151 -11.05 12.88 -0.89
CA HIS A 151 -11.53 13.32 0.41
C HIS A 151 -10.59 12.88 1.52
N MET A 152 -10.15 11.63 1.48
CA MET A 152 -9.14 11.14 2.43
C MET A 152 -7.88 11.98 2.40
N GLU A 153 -7.32 12.20 1.21
CA GLU A 153 -6.10 12.99 1.08
C GLU A 153 -6.26 14.41 1.61
N ALA A 154 -7.41 15.04 1.33
CA ALA A 154 -7.66 16.43 1.74
C ALA A 154 -7.93 16.53 3.24
N THR A 155 -8.40 15.43 3.83
CA THR A 155 -8.72 15.41 5.26
C THR A 155 -7.46 15.26 6.11
N GLY A 156 -6.57 14.33 5.76
CA GLY A 156 -5.36 14.10 6.53
C GLY A 156 -5.63 13.50 7.90
N VAL A 157 -4.56 13.25 8.66
CA VAL A 157 -4.68 12.66 9.99
C VAL A 157 -3.88 13.45 11.02
N ARG A 158 -4.41 13.63 12.21
CA ARG A 158 -3.75 14.40 13.24
C ARG A 158 -2.52 13.66 13.79
N LEU A 159 -1.49 14.41 14.13
CA LEU A 159 -0.23 13.86 14.62
C LEU A 159 0.21 14.58 15.89
N ASP A 160 0.69 13.83 16.88
CA ASP A 160 1.13 14.45 18.12
C ASP A 160 2.59 14.94 17.99
N VAL A 161 2.74 16.17 17.54
CA VAL A 161 4.04 16.71 17.16
C VAL A 161 4.96 16.90 18.37
N ALA A 162 4.45 17.51 19.43
CA ALA A 162 5.23 17.74 20.64
C ALA A 162 5.76 16.39 21.11
N TYR A 163 4.90 15.40 21.06
CA TYR A 163 5.25 14.05 21.48
C TYR A 163 6.43 13.49 20.66
N LEU A 164 6.40 13.66 19.34
CA LEU A 164 7.47 13.15 18.50
C LEU A 164 8.79 13.94 18.67
N ARG A 165 8.70 15.25 18.89
CA ARG A 165 9.92 16.03 19.12
C ARG A 165 10.63 15.51 20.37
N ALA A 166 9.86 15.33 21.44
CA ALA A 166 10.41 14.85 22.71
C ALA A 166 10.94 13.43 22.53
N LEU A 167 10.21 12.60 21.77
CA LEU A 167 10.71 11.25 21.49
C LEU A 167 12.08 11.31 20.78
N SER A 168 12.21 12.20 19.82
CA SER A 168 13.45 12.33 19.05
C SER A 168 14.66 12.51 19.98
N LEU A 169 14.55 13.38 20.96
CA LEU A 169 15.66 13.65 21.88
C LEU A 169 16.03 12.38 22.66
N GLU A 170 15.03 11.64 23.11
CA GLU A 170 15.26 10.39 23.82
CA GLU A 170 15.28 10.41 23.84
C GLU A 170 16.04 9.43 22.94
N VAL A 171 15.59 9.27 21.70
CA VAL A 171 16.19 8.30 20.80
C VAL A 171 17.58 8.72 20.33
N ALA A 172 17.82 10.03 20.18
CA ALA A 172 19.15 10.50 19.80
C ALA A 172 20.17 10.06 20.86
N GLU A 173 19.80 10.16 22.13
CA GLU A 173 20.73 9.84 23.21
C GLU A 173 21.06 8.35 23.23
N GLU A 174 20.05 7.51 23.04
CA GLU A 174 20.25 6.07 22.97
C GLU A 174 21.10 5.72 21.75
N ILE A 175 20.84 6.39 20.62
CA ILE A 175 21.64 6.14 19.42
C ILE A 175 23.13 6.43 19.70
N ALA A 176 23.41 7.54 20.39
CA ALA A 176 24.80 7.91 20.68
C ALA A 176 25.47 6.85 21.57
N ARG A 177 24.69 6.28 22.48
CA ARG A 177 25.15 5.19 23.35
C ARG A 177 25.58 3.98 22.51
N LEU A 178 24.75 3.62 21.53
CA LEU A 178 25.02 2.48 20.66
C LEU A 178 26.21 2.72 19.74
N GLU A 179 26.29 3.91 19.15
CA GLU A 179 27.39 4.16 18.21
C GLU A 179 28.71 4.24 18.96
N ALA A 180 28.68 4.82 20.17
CA ALA A 180 29.90 4.88 20.99
C ALA A 180 30.43 3.47 21.27
N GLU A 181 29.52 2.55 21.63
CA GLU A 181 29.93 1.18 21.94
C GLU A 181 30.45 0.49 20.69
N VAL A 182 29.72 0.64 19.59
CA VAL A 182 30.14 0.00 18.35
C VAL A 182 31.57 0.45 17.99
N PHE A 183 31.83 1.74 18.11
CA PHE A 183 33.14 2.28 17.79
C PHE A 183 34.21 1.77 18.76
N ARG A 184 33.87 1.67 20.03
CA ARG A 184 34.80 1.09 20.98
C ARG A 184 35.16 -0.32 20.55
N LEU A 185 34.14 -1.11 20.20
CA LEU A 185 34.33 -2.51 19.84
C LEU A 185 35.06 -2.68 18.52
N ALA A 186 34.90 -1.73 17.61
CA ALA A 186 35.59 -1.79 16.34
C ALA A 186 37.04 -1.35 16.49
N GLY A 187 37.32 -0.59 17.55
CA GLY A 187 38.64 -0.06 17.78
C GLY A 187 38.84 1.31 17.17
N HIS A 188 37.78 1.87 16.60
CA HIS A 188 37.85 3.18 15.97
C HIS A 188 36.49 3.61 15.41
N PRO A 189 36.30 4.94 15.28
CA PRO A 189 35.08 5.49 14.68
C PRO A 189 35.05 5.29 13.18
N PHE A 190 33.85 5.12 12.64
CA PHE A 190 33.64 5.17 11.20
C PHE A 190 32.19 5.60 10.99
N ASN A 191 31.78 5.81 9.74
CA ASN A 191 30.38 6.12 9.48
C ASN A 191 29.56 4.84 9.52
N LEU A 192 28.88 4.64 10.65
CA LEU A 192 28.11 3.43 10.91
C LEU A 192 26.88 3.33 10.02
N ASN A 193 26.52 4.43 9.38
CA ASN A 193 25.42 4.45 8.43
C ASN A 193 25.84 3.97 7.06
N SER A 194 27.15 3.88 6.83
CA SER A 194 27.66 3.42 5.54
C SER A 194 27.86 1.92 5.56
N ARG A 195 27.05 1.20 4.79
CA ARG A 195 27.15 -0.25 4.83
C ARG A 195 28.49 -0.71 4.21
N ASP A 196 29.09 0.12 3.36
CA ASP A 196 30.42 -0.18 2.79
C ASP A 196 31.51 -0.15 3.85
N GLN A 197 31.50 0.88 4.70
CA GLN A 197 32.49 0.97 5.75
C GLN A 197 32.21 -0.09 6.79
N LEU A 198 30.95 -0.36 7.07
CA LEU A 198 30.58 -1.42 8.00
C LEU A 198 31.12 -2.78 7.51
N GLU A 199 30.99 -3.05 6.22
CA GLU A 199 31.43 -4.32 5.64
C GLU A 199 32.92 -4.55 5.88
N ARG A 200 33.71 -3.49 5.72
CA ARG A 200 35.13 -3.62 5.91
C ARG A 200 35.46 -3.97 7.36
N VAL A 201 34.79 -3.28 8.29
CA VAL A 201 35.03 -3.51 9.71
C VAL A 201 34.64 -4.92 10.14
N LEU A 202 33.44 -5.35 9.74
CA LEU A 202 32.96 -6.67 10.12
C LEU A 202 33.82 -7.78 9.51
N PHE A 203 34.10 -7.68 8.22
CA PHE A 203 34.66 -8.81 7.48
C PHE A 203 36.16 -8.74 7.18
N ASP A 204 36.73 -7.54 7.10
CA ASP A 204 38.18 -7.43 6.92
C ASP A 204 38.88 -7.23 8.26
N GLU A 205 38.35 -6.35 9.11
CA GLU A 205 39.03 -6.01 10.35
C GLU A 205 38.73 -6.97 11.50
N LEU A 206 37.46 -7.26 11.74
CA LEU A 206 37.12 -8.18 12.83
C LEU A 206 37.15 -9.63 12.36
N GLY A 207 37.31 -9.82 11.06
CA GLY A 207 37.47 -11.15 10.50
C GLY A 207 36.25 -12.04 10.67
N LEU A 208 35.07 -11.46 10.79
CA LEU A 208 33.84 -12.24 10.87
C LEU A 208 33.62 -12.91 9.53
N PRO A 209 32.93 -14.06 9.53
CA PRO A 209 32.69 -14.72 8.25
C PRO A 209 31.60 -14.02 7.45
N ALA A 210 31.85 -13.73 6.18
CA ALA A 210 30.82 -13.16 5.32
C ALA A 210 29.83 -14.28 4.99
N ILE A 211 28.54 -13.98 5.07
CA ILE A 211 27.50 -14.99 4.89
C ILE A 211 26.82 -14.90 3.53
N GLY A 212 26.53 -13.68 3.07
CA GLY A 212 25.87 -13.50 1.79
C GLY A 212 26.39 -12.30 1.04
N LYS A 213 26.00 -12.21 -0.23
CA LYS A 213 26.45 -11.14 -1.12
C LYS A 213 25.25 -10.33 -1.61
N THR A 214 25.49 -9.07 -1.96
CA THR A 214 24.41 -8.20 -2.37
C THR A 214 24.11 -8.45 -3.84
N GLU A 215 22.87 -8.21 -4.24
CA GLU A 215 22.36 -8.62 -5.54
C GLU A 215 23.11 -7.98 -6.72
N LYS A 216 23.14 -6.64 -6.76
CA LYS A 216 23.59 -5.89 -7.93
C LYS A 216 25.11 -5.76 -8.05
N THR A 217 25.79 -5.56 -6.93
CA THR A 217 27.22 -5.26 -6.99
C THR A 217 28.11 -6.29 -6.29
N GLY A 218 27.49 -7.31 -5.70
CA GLY A 218 28.23 -8.42 -5.13
C GLY A 218 29.09 -8.08 -3.92
N LYS A 219 28.67 -7.09 -3.13
CA LYS A 219 29.36 -6.82 -1.88
C LYS A 219 28.96 -7.84 -0.81
N ARG A 220 29.83 -8.03 0.19
CA ARG A 220 29.46 -8.86 1.34
C ARG A 220 28.36 -8.16 2.10
N SER A 221 27.22 -8.83 2.23
CA SER A 221 26.03 -8.18 2.78
C SER A 221 26.14 -7.93 4.28
N THR A 222 25.53 -6.84 4.73
CA THR A 222 25.43 -6.54 6.15
C THR A 222 23.98 -6.46 6.62
N SER A 223 23.08 -7.08 5.85
CA SER A 223 21.65 -7.02 6.15
C SER A 223 21.33 -7.66 7.50
N ALA A 224 20.11 -7.43 7.97
CA ALA A 224 19.69 -7.92 9.27
C ALA A 224 19.80 -9.45 9.32
N ALA A 225 19.50 -10.13 8.22
CA ALA A 225 19.53 -11.60 8.20
C ALA A 225 20.97 -12.08 8.39
N VAL A 226 21.90 -11.41 7.73
CA VAL A 226 23.32 -11.73 7.90
C VAL A 226 23.74 -11.53 9.36
N LEU A 227 23.45 -10.35 9.90
CA LEU A 227 23.86 -9.99 11.26
C LEU A 227 23.17 -10.89 12.28
N GLU A 228 21.88 -11.11 12.08
CA GLU A 228 21.10 -11.98 12.94
C GLU A 228 21.86 -13.29 13.13
N ALA A 229 22.43 -13.76 12.04
CA ALA A 229 23.10 -15.06 12.01
C ALA A 229 24.49 -15.00 12.64
N LEU A 230 25.01 -13.80 12.83
CA LEU A 230 26.33 -13.59 13.42
C LEU A 230 26.20 -13.03 14.85
N ARG A 231 24.99 -13.06 15.39
CA ARG A 231 24.74 -12.57 16.74
C ARG A 231 25.74 -13.10 17.77
N GLU A 232 26.07 -14.40 17.67
CA GLU A 232 26.93 -15.05 18.66
C GLU A 232 28.41 -14.85 18.34
N ALA A 233 28.70 -14.40 17.13
CA ALA A 233 30.07 -14.35 16.65
C ALA A 233 30.87 -13.19 17.25
N HIS A 234 30.18 -12.13 17.64
CA HIS A 234 30.87 -10.94 18.16
C HIS A 234 29.89 -9.96 18.77
N PRO A 235 30.24 -9.38 19.92
CA PRO A 235 29.27 -8.51 20.59
C PRO A 235 28.99 -7.20 19.83
N ILE A 236 29.78 -6.86 18.82
CA ILE A 236 29.48 -5.66 18.05
C ILE A 236 28.19 -5.87 17.24
N VAL A 237 27.83 -7.13 16.97
CA VAL A 237 26.73 -7.40 16.04
C VAL A 237 25.38 -6.96 16.58
N GLU A 238 25.09 -7.33 17.82
CA GLU A 238 23.85 -6.98 18.48
C GLU A 238 23.70 -5.47 18.59
N LYS A 239 24.81 -4.80 18.87
CA LYS A 239 24.81 -3.34 19.04
C LYS A 239 24.47 -2.68 17.73
N ILE A 240 25.01 -3.23 16.63
CA ILE A 240 24.70 -2.74 15.28
C ILE A 240 23.21 -2.93 14.94
N LEU A 241 22.68 -4.10 15.24
CA LEU A 241 21.25 -4.36 15.01
C LEU A 241 20.38 -3.34 15.75
N GLN A 242 20.76 -3.03 17.00
CA GLN A 242 20.01 -2.05 17.77
C GLN A 242 20.17 -0.66 17.14
N TYR A 243 21.39 -0.33 16.72
CA TYR A 243 21.64 0.94 16.07
C TYR A 243 20.76 1.06 14.82
N ARG A 244 20.72 -0.01 14.03
CA ARG A 244 19.95 -0.04 12.77
C ARG A 244 18.48 0.22 13.00
N GLU A 245 17.92 -0.47 13.99
CA GLU A 245 16.51 -0.30 14.31
C GLU A 245 16.17 1.14 14.70
N LEU A 246 16.97 1.73 15.59
CA LEU A 246 16.66 3.06 16.10
C LEU A 246 16.82 4.12 15.00
N THR A 247 17.91 4.08 14.26
CA THR A 247 18.17 5.09 13.22
C THR A 247 17.14 4.98 12.09
N LYS A 248 16.75 3.76 11.74
CA LYS A 248 15.69 3.57 10.74
C LYS A 248 14.46 4.37 11.18
N LEU A 249 14.02 4.14 12.41
CA LEU A 249 12.79 4.73 12.89
C LEU A 249 12.92 6.24 13.12
N LYS A 250 14.08 6.70 13.57
CA LYS A 250 14.27 8.14 13.78
C LYS A 250 14.41 8.86 12.44
N SER A 251 15.13 8.28 11.51
CA SER A 251 15.31 8.93 10.20
C SER A 251 14.07 8.86 9.28
N THR A 252 13.25 7.82 9.43
CA THR A 252 12.11 7.64 8.53
C THR A 252 10.81 8.22 9.10
N TYR A 253 10.64 8.21 10.42
CA TYR A 253 9.37 8.65 10.98
C TYR A 253 9.51 9.77 12.00
N ILE A 254 10.29 9.53 13.06
CA ILE A 254 10.30 10.48 14.16
C ILE A 254 10.68 11.90 13.69
N ASP A 255 11.65 12.02 12.79
CA ASP A 255 12.16 13.34 12.42
C ASP A 255 11.41 14.01 11.26
N PRO A 256 11.12 13.27 10.18
CA PRO A 256 10.42 13.85 9.02
C PRO A 256 8.96 14.25 9.28
N LEU A 257 8.18 13.38 9.94
CA LEU A 257 6.75 13.62 10.03
C LEU A 257 6.36 14.96 10.66
N PRO A 258 6.96 15.33 11.81
CA PRO A 258 6.54 16.60 12.39
C PRO A 258 6.73 17.76 11.40
N ASP A 259 7.72 17.66 10.55
CA ASP A 259 7.99 18.72 9.59
C ASP A 259 6.98 18.78 8.44
N LEU A 260 6.07 17.81 8.38
CA LEU A 260 5.15 17.69 7.25
C LEU A 260 3.70 18.10 7.59
N ILE A 261 3.51 18.69 8.76
CA ILE A 261 2.20 19.14 9.19
C ILE A 261 1.75 20.31 8.35
N HIS A 262 0.56 20.23 7.75
CA HIS A 262 0.10 21.30 6.89
C HIS A 262 -0.37 22.50 7.72
N PRO A 263 0.06 23.71 7.33
CA PRO A 263 -0.21 24.92 8.13
C PRO A 263 -1.69 25.31 8.15
N ARG A 264 -2.43 24.94 7.11
CA ARG A 264 -3.86 25.22 7.08
C ARG A 264 -4.65 24.22 7.93
N THR A 265 -4.32 22.94 7.80
CA THR A 265 -5.12 21.90 8.43
C THR A 265 -4.61 21.51 9.80
N GLY A 266 -3.32 21.69 10.02
CA GLY A 266 -2.71 21.22 11.25
C GLY A 266 -2.64 19.70 11.28
N ARG A 267 -2.60 19.09 10.09
CA ARG A 267 -2.62 17.64 9.98
C ARG A 267 -1.63 17.16 8.93
N LEU A 268 -1.51 15.83 8.84
CA LEU A 268 -0.58 15.16 7.95
C LEU A 268 -1.35 14.63 6.75
N HIS A 269 -0.82 14.82 5.55
CA HIS A 269 -1.57 14.50 4.32
C HIS A 269 -0.78 13.64 3.36
N THR A 270 -1.10 12.35 3.34
CA THR A 270 -0.46 11.43 2.41
C THR A 270 -1.08 11.59 1.02
N ARG A 271 -0.50 10.88 0.06
CA ARG A 271 -1.13 10.72 -1.25
C ARG A 271 -1.45 9.24 -1.43
N PHE A 272 -2.67 8.94 -1.84
CA PHE A 272 -3.02 7.56 -2.17
C PHE A 272 -2.96 7.39 -3.68
N ASN A 273 -1.92 6.70 -4.12
CA ASN A 273 -1.68 6.46 -5.53
C ASN A 273 -2.52 5.29 -6.05
N GLN A 274 -3.30 5.57 -7.08
CA GLN A 274 -4.30 4.64 -7.56
C GLN A 274 -3.82 3.82 -8.76
N THR A 275 -2.76 4.26 -9.42
CA THR A 275 -2.22 3.53 -10.56
C THR A 275 -0.73 3.26 -10.37
N ALA A 276 -0.39 2.62 -9.26
CA ALA A 276 1.00 2.47 -8.85
C ALA A 276 1.47 1.02 -8.70
N THR A 277 0.56 0.06 -8.58
CA THR A 277 0.98 -1.34 -8.33
C THR A 277 0.56 -2.33 -9.43
N ALA A 278 1.27 -3.45 -9.47
CA ALA A 278 1.01 -4.48 -10.47
C ALA A 278 -0.27 -5.25 -10.16
N THR A 279 -0.76 -5.16 -8.93
CA THR A 279 -1.82 -6.07 -8.48
C THR A 279 -3.17 -5.38 -8.23
N GLY A 280 -3.19 -4.05 -8.30
CA GLY A 280 -4.39 -3.31 -8.03
C GLY A 280 -4.47 -2.78 -6.60
N ARG A 281 -3.48 -3.12 -5.78
CA ARG A 281 -3.36 -2.45 -4.49
C ARG A 281 -3.14 -0.95 -4.68
N LEU A 282 -3.55 -0.18 -3.68
CA LEU A 282 -3.17 1.22 -3.58
C LEU A 282 -1.73 1.31 -3.11
N SER A 283 -1.11 2.46 -3.31
CA SER A 283 0.12 2.76 -2.60
C SER A 283 -0.03 4.13 -1.98
N SER A 284 0.86 4.46 -1.04
CA SER A 284 0.80 5.72 -0.31
C SER A 284 2.18 6.35 -0.30
N SER A 285 2.24 7.66 -0.54
CA SER A 285 3.54 8.34 -0.55
C SER A 285 3.48 9.82 -0.15
N ASP A 286 4.65 10.38 0.18
CA ASP A 286 4.80 11.82 0.42
C ASP A 286 3.94 12.41 1.53
N PRO A 287 3.93 11.83 2.73
CA PRO A 287 4.65 10.67 3.26
C PRO A 287 3.88 9.39 3.04
N ASN A 288 4.58 8.26 3.09
CA ASN A 288 3.95 6.95 3.10
C ASN A 288 3.41 6.68 4.49
N LEU A 289 2.08 6.56 4.60
CA LEU A 289 1.43 6.29 5.87
C LEU A 289 0.92 4.84 5.92
N GLN A 290 1.29 4.06 4.93
CA GLN A 290 0.96 2.63 4.94
C GLN A 290 2.10 1.76 5.50
N ASN A 291 3.18 2.39 5.98
CA ASN A 291 4.20 1.62 6.68
C ASN A 291 4.62 2.25 8.00
N ILE A 292 3.67 2.85 8.70
CA ILE A 292 3.93 3.38 10.03
C ILE A 292 4.29 2.21 10.94
N PRO A 293 5.36 2.35 11.75
CA PRO A 293 5.85 1.23 12.56
C PRO A 293 4.82 0.67 13.52
N VAL A 294 4.98 -0.59 13.87
CA VAL A 294 4.02 -1.25 14.75
C VAL A 294 4.59 -2.48 15.46
N ARG A 295 5.71 -3.00 14.97
CA ARG A 295 6.29 -4.24 15.47
C ARG A 295 7.06 -4.08 16.79
N THR A 296 8.06 -3.21 16.83
CA THR A 296 8.90 -3.08 18.03
C THR A 296 8.35 -2.08 19.03
N PRO A 297 8.88 -2.11 20.26
CA PRO A 297 8.41 -1.12 21.25
C PRO A 297 8.58 0.33 20.80
N LEU A 298 9.70 0.68 20.17
CA LEU A 298 9.84 2.04 19.69
C LEU A 298 8.90 2.32 18.51
N GLY A 299 8.62 1.29 17.71
CA GLY A 299 7.68 1.43 16.61
C GLY A 299 6.28 1.76 17.13
N GLN A 300 5.92 1.12 18.23
CA GLN A 300 4.60 1.33 18.81
C GLN A 300 4.47 2.72 19.41
N ARG A 301 5.56 3.26 19.96
CA ARG A 301 5.53 4.60 20.52
C ARG A 301 5.31 5.59 19.38
N ILE A 302 5.82 5.27 18.21
CA ILE A 302 5.64 6.13 17.05
C ILE A 302 4.21 6.06 16.53
N ARG A 303 3.68 4.84 16.42
CA ARG A 303 2.29 4.69 16.00
C ARG A 303 1.35 5.47 16.93
N ARG A 304 1.74 5.57 18.21
CA ARG A 304 0.91 6.28 19.19
C ARG A 304 0.77 7.76 18.85
N ALA A 305 1.64 8.25 17.97
CA ALA A 305 1.66 9.67 17.63
C ALA A 305 0.48 10.04 16.72
N PHE A 306 -0.10 9.03 16.05
CA PHE A 306 -1.29 9.24 15.24
C PHE A 306 -2.56 9.22 16.10
N ILE A 307 -3.20 10.38 16.24
CA ILE A 307 -4.28 10.56 17.21
C ILE A 307 -5.56 11.10 16.57
N ALA A 308 -6.67 10.99 17.30
CA ALA A 308 -7.93 11.54 16.83
C ALA A 308 -8.00 13.04 17.12
N GLU A 309 -8.87 13.74 16.42
CA GLU A 309 -9.10 15.15 16.72
C GLU A 309 -9.72 15.19 18.11
N GLU A 310 -9.53 16.32 18.81
CA GLU A 310 -10.16 16.53 20.12
C GLU A 310 -11.66 16.30 20.02
N GLY A 311 -12.18 15.39 20.84
CA GLY A 311 -13.61 15.09 20.84
C GLY A 311 -13.97 13.95 19.91
N TRP A 312 -12.98 13.42 19.20
CA TRP A 312 -13.17 12.33 18.24
C TRP A 312 -12.40 11.09 18.69
N LEU A 313 -12.68 9.96 18.07
CA LEU A 313 -11.88 8.74 18.26
C LEU A 313 -11.44 8.16 16.92
N LEU A 314 -10.32 7.42 16.93
CA LEU A 314 -9.94 6.64 15.77
C LEU A 314 -10.68 5.31 15.83
N VAL A 315 -11.14 4.85 14.67
CA VAL A 315 -11.77 3.55 14.56
C VAL A 315 -10.95 2.79 13.53
N ALA A 316 -10.34 1.68 13.94
CA ALA A 316 -9.46 0.92 13.07
C ALA A 316 -10.10 -0.42 12.73
N LEU A 317 -10.23 -0.69 11.44
CA LEU A 317 -10.87 -1.93 10.95
C LEU A 317 -9.92 -2.72 10.07
N ASP A 318 -9.79 -4.01 10.38
CA ASP A 318 -8.77 -4.84 9.78
C ASP A 318 -9.36 -6.20 9.37
N TYR A 319 -9.41 -6.48 8.06
CA TYR A 319 -9.88 -7.80 7.61
C TYR A 319 -9.07 -8.93 8.24
N SER A 320 -9.73 -10.01 8.62
CA SER A 320 -9.05 -11.15 9.23
C SER A 320 -8.53 -12.15 8.18
N GLN A 321 -7.22 -12.41 8.19
CA GLN A 321 -6.60 -13.37 7.28
CA GLN A 321 -6.59 -13.35 7.27
C GLN A 321 -7.16 -13.21 5.87
N ILE A 322 -7.27 -11.96 5.41
CA ILE A 322 -8.01 -11.69 4.19
C ILE A 322 -7.63 -12.52 2.96
N GLU A 323 -6.33 -12.63 2.68
CA GLU A 323 -5.89 -13.28 1.45
C GLU A 323 -6.00 -14.82 1.53
N LEU A 324 -5.97 -15.37 2.75
CA LEU A 324 -6.17 -16.80 2.90
C LEU A 324 -7.64 -17.14 2.67
N ARG A 325 -8.53 -16.21 3.01
CA ARG A 325 -9.96 -16.41 2.73
C ARG A 325 -10.25 -16.27 1.24
N VAL A 326 -9.70 -15.23 0.61
CA VAL A 326 -9.79 -15.08 -0.84
C VAL A 326 -9.33 -16.36 -1.54
N LEU A 327 -8.19 -16.89 -1.11
CA LEU A 327 -7.63 -18.10 -1.69
C LEU A 327 -8.64 -19.25 -1.59
N ALA A 328 -9.33 -19.34 -0.46
CA ALA A 328 -10.32 -20.40 -0.24
C ALA A 328 -11.41 -20.30 -1.31
N HIS A 329 -11.89 -19.08 -1.54
CA HIS A 329 -12.93 -18.85 -2.53
C HIS A 329 -12.44 -19.17 -3.96
N LEU A 330 -11.24 -18.71 -4.29
CA LEU A 330 -10.72 -18.84 -5.64
C LEU A 330 -10.36 -20.29 -6.00
N SER A 331 -9.86 -21.02 -5.02
CA SER A 331 -9.40 -22.38 -5.24
C SER A 331 -10.55 -23.38 -5.13
N GLY A 332 -11.54 -23.07 -4.32
CA GLY A 332 -12.64 -23.98 -4.03
C GLY A 332 -12.22 -25.10 -3.12
N ASP A 333 -11.08 -24.95 -2.45
CA ASP A 333 -10.56 -26.02 -1.61
C ASP A 333 -11.45 -26.23 -0.39
N GLU A 334 -11.99 -27.43 -0.26
CA GLU A 334 -12.99 -27.71 0.75
C GLU A 334 -12.42 -27.59 2.17
N ASN A 335 -11.22 -28.15 2.38
CA ASN A 335 -10.56 -28.05 3.69
C ASN A 335 -10.32 -26.61 4.11
N LEU A 336 -9.81 -25.79 3.20
CA LEU A 336 -9.51 -24.40 3.50
C LEU A 336 -10.80 -23.62 3.80
N ILE A 337 -11.82 -23.82 2.97
CA ILE A 337 -13.12 -23.21 3.21
C ILE A 337 -13.68 -23.66 4.56
N ARG A 338 -13.45 -24.93 4.87
CA ARG A 338 -13.93 -25.50 6.12
C ARG A 338 -13.29 -24.80 7.31
N VAL A 339 -12.02 -24.50 7.19
CA VAL A 339 -11.30 -23.81 8.26
C VAL A 339 -11.97 -22.48 8.62
N PHE A 340 -12.43 -21.76 7.61
CA PHE A 340 -13.01 -20.44 7.82
C PHE A 340 -14.49 -20.52 8.19
N GLN A 341 -15.19 -21.52 7.66
CA GLN A 341 -16.58 -21.73 8.02
C GLN A 341 -16.71 -22.13 9.48
N GLU A 342 -15.67 -22.75 10.03
CA GLU A 342 -15.65 -23.15 11.43
C GLU A 342 -15.13 -22.05 12.35
N GLY A 343 -14.83 -20.88 11.79
CA GLY A 343 -14.32 -19.76 12.57
C GLY A 343 -12.94 -19.97 13.16
N ARG A 344 -12.11 -20.79 12.50
CA ARG A 344 -10.74 -21.07 12.97
C ARG A 344 -9.74 -19.94 12.62
N ASP A 345 -8.53 -20.04 13.15
CA ASP A 345 -7.51 -19.00 12.97
C ASP A 345 -6.16 -19.61 12.65
N ILE A 346 -5.81 -19.63 11.38
CA ILE A 346 -4.64 -20.36 10.87
C ILE A 346 -3.29 -19.81 11.36
N HIS A 347 -3.19 -18.49 11.56
CA HIS A 347 -1.97 -17.88 12.09
C HIS A 347 -1.72 -18.26 13.55
N THR A 348 -2.79 -18.40 14.34
CA THR A 348 -2.64 -18.78 15.73
C THR A 348 -2.17 -20.22 15.82
N GLU A 349 -2.70 -21.07 14.94
CA GLU A 349 -2.32 -22.47 14.90
C GLU A 349 -0.85 -22.66 14.53
N THR A 350 -0.45 -22.05 13.41
CA THR A 350 0.94 -22.04 13.00
C THR A 350 1.82 -21.50 14.12
N ALA A 351 1.37 -20.42 14.75
CA ALA A 351 2.11 -19.80 15.86
C ALA A 351 2.23 -20.79 17.01
N SER A 352 1.12 -21.45 17.34
CA SER A 352 1.13 -22.47 18.38
C SER A 352 2.16 -23.52 17.97
N TRP A 353 2.08 -23.96 16.72
CA TRP A 353 3.01 -24.93 16.19
C TRP A 353 4.45 -24.42 16.27
N MET A 354 4.69 -23.26 15.65
CA MET A 354 6.03 -22.66 15.61
C MET A 354 6.67 -22.63 16.98
N PHE A 355 6.03 -21.93 17.92
CA PHE A 355 6.63 -21.71 19.23
C PHE A 355 6.43 -22.89 20.18
N GLY A 356 5.71 -23.91 19.72
CA GLY A 356 5.49 -25.11 20.50
C GLY A 356 4.71 -24.85 21.78
N VAL A 357 3.49 -24.34 21.63
CA VAL A 357 2.70 -23.93 22.78
C VAL A 357 1.21 -24.05 22.48
N PRO A 358 0.38 -24.09 23.53
CA PRO A 358 -1.08 -24.21 23.39
C PRO A 358 -1.66 -23.17 22.44
N ARG A 359 -2.80 -23.49 21.86
CA ARG A 359 -3.51 -22.54 21.02
C ARG A 359 -3.69 -21.24 21.81
N GLU A 360 -3.93 -21.37 23.11
CA GLU A 360 -4.19 -20.22 23.98
C GLU A 360 -2.91 -19.58 24.53
N ALA A 361 -1.75 -20.07 24.12
CA ALA A 361 -0.47 -19.53 24.58
C ALA A 361 0.15 -18.56 23.57
N VAL A 362 -0.56 -18.30 22.48
CA VAL A 362 -0.07 -17.39 21.45
C VAL A 362 -0.45 -15.94 21.72
N ASP A 363 0.53 -15.04 21.61
CA ASP A 363 0.29 -13.61 21.76
C ASP A 363 0.40 -12.90 20.41
N PRO A 364 0.10 -11.59 20.38
CA PRO A 364 0.13 -10.81 19.13
C PRO A 364 1.48 -10.81 18.39
N LEU A 365 2.57 -11.20 19.04
CA LEU A 365 3.88 -11.18 18.41
C LEU A 365 4.29 -12.57 17.92
N MET A 366 3.77 -13.60 18.58
CA MET A 366 3.92 -14.98 18.09
C MET A 366 3.11 -15.10 16.81
N ARG A 367 1.84 -14.76 16.91
CA ARG A 367 0.92 -14.79 15.78
C ARG A 367 1.48 -14.01 14.59
N ARG A 368 1.86 -12.76 14.82
CA ARG A 368 2.47 -11.93 13.78
C ARG A 368 3.62 -12.66 13.09
N ALA A 369 4.45 -13.33 13.88
CA ALA A 369 5.59 -14.08 13.35
C ALA A 369 5.10 -15.29 12.54
N ALA A 370 3.93 -15.80 12.91
CA ALA A 370 3.34 -16.94 12.20
C ALA A 370 2.79 -16.53 10.82
N LYS A 371 2.60 -15.23 10.59
CA LYS A 371 2.14 -14.73 9.31
C LYS A 371 3.20 -14.94 8.23
N THR A 372 4.44 -14.60 8.56
CA THR A 372 5.55 -14.72 7.62
C THR A 372 5.61 -16.15 7.08
N ILE A 373 5.37 -17.12 7.95
CA ILE A 373 5.46 -18.53 7.57
C ILE A 373 4.33 -18.97 6.63
N ASN A 374 3.08 -18.68 7.03
CA ASN A 374 1.93 -19.05 6.19
C ASN A 374 1.94 -18.40 4.80
N PHE A 375 2.06 -17.08 4.76
CA PHE A 375 2.16 -16.36 3.48
C PHE A 375 3.47 -16.67 2.77
N GLY A 376 4.53 -16.88 3.53
CA GLY A 376 5.82 -17.23 2.97
C GLY A 376 5.71 -18.50 2.14
N VAL A 377 5.18 -19.56 2.75
CA VAL A 377 5.08 -20.85 2.08
C VAL A 377 4.10 -20.81 0.91
N LEU A 378 2.97 -20.17 1.13
CA LEU A 378 1.90 -20.14 0.14
C LEU A 378 2.40 -19.51 -1.15
N TYR A 379 3.17 -18.44 -1.02
CA TYR A 379 3.67 -17.70 -2.17
C TYR A 379 5.05 -18.19 -2.60
N GLY A 380 5.38 -19.41 -2.18
CA GLY A 380 6.46 -20.16 -2.77
C GLY A 380 7.87 -19.93 -2.27
N MET A 381 8.05 -19.84 -0.95
CA MET A 381 9.41 -19.83 -0.39
C MET A 381 9.91 -21.26 -0.30
N SER A 382 11.19 -21.46 -0.62
CA SER A 382 11.77 -22.79 -0.68
C SER A 382 12.07 -23.35 0.70
N ALA A 383 12.03 -24.67 0.82
CA ALA A 383 12.27 -25.34 2.09
C ALA A 383 13.53 -24.80 2.77
N HIS A 384 14.58 -24.60 1.98
CA HIS A 384 15.83 -24.08 2.51
C HIS A 384 15.61 -22.74 3.18
N ARG A 385 14.83 -21.88 2.53
CA ARG A 385 14.55 -20.56 3.04
C ARG A 385 13.87 -20.66 4.40
N LEU A 386 12.87 -21.53 4.49
CA LEU A 386 12.10 -21.70 5.72
C LEU A 386 12.99 -22.23 6.84
N SER A 387 13.96 -23.08 6.49
CA SER A 387 14.94 -23.53 7.47
C SER A 387 15.57 -22.32 8.15
N GLN A 388 16.05 -21.40 7.34
CA GLN A 388 16.77 -20.24 7.84
C GLN A 388 15.90 -19.29 8.65
N GLU A 389 14.60 -19.28 8.36
CA GLU A 389 13.69 -18.35 9.00
C GLU A 389 13.31 -18.77 10.43
N LEU A 390 13.16 -20.07 10.65
CA LEU A 390 12.56 -20.55 11.89
C LEU A 390 13.37 -20.29 13.17
N ALA A 391 14.62 -20.76 13.27
CA ALA A 391 15.29 -21.57 12.25
C ALA A 391 15.37 -23.02 12.69
N ILE A 392 14.82 -23.91 11.87
CA ILE A 392 14.67 -25.32 12.22
C ILE A 392 15.42 -26.12 11.15
N PRO A 393 15.64 -27.43 11.38
CA PRO A 393 16.37 -28.17 10.34
C PRO A 393 15.64 -28.29 9.01
N TYR A 394 16.40 -28.55 7.96
CA TYR A 394 15.86 -28.86 6.64
C TYR A 394 15.20 -30.23 6.75
N GLU A 395 14.20 -30.47 5.90
CA GLU A 395 13.37 -31.68 5.99
C GLU A 395 12.34 -31.53 7.10
N GLU A 396 12.69 -30.79 8.15
CA GLU A 396 11.72 -30.35 9.14
C GLU A 396 11.06 -29.09 8.60
N ALA A 397 11.86 -28.26 7.95
CA ALA A 397 11.35 -27.09 7.24
C ALA A 397 10.76 -27.53 5.90
N GLN A 398 11.11 -28.74 5.46
CA GLN A 398 10.59 -29.29 4.22
C GLN A 398 9.31 -30.08 4.48
N ALA A 399 9.20 -30.67 5.67
CA ALA A 399 8.01 -31.42 6.03
C ALA A 399 6.82 -30.49 6.31
N PHE A 400 7.08 -29.31 6.85
CA PHE A 400 6.03 -28.33 7.11
C PHE A 400 5.38 -27.86 5.81
N ILE A 401 6.20 -27.69 4.78
CA ILE A 401 5.74 -27.18 3.49
C ILE A 401 5.03 -28.27 2.69
N GLU A 402 5.25 -29.53 3.05
CA GLU A 402 4.53 -30.60 2.38
C GLU A 402 3.18 -30.86 3.03
N ARG A 403 3.15 -30.90 4.35
CA ARG A 403 1.88 -31.08 5.07
C ARG A 403 0.99 -29.85 4.87
N TYR A 404 1.60 -28.74 4.47
CA TYR A 404 0.89 -27.48 4.25
C TYR A 404 0.03 -27.56 2.99
N PHE A 405 0.56 -28.15 1.93
CA PHE A 405 -0.18 -28.29 0.67
C PHE A 405 -0.90 -29.64 0.54
N GLN A 406 -0.72 -30.52 1.52
CA GLN A 406 -1.45 -31.78 1.53
C GLN A 406 -2.79 -31.58 2.23
N SER A 407 -2.82 -30.63 3.15
CA SER A 407 -4.04 -30.28 3.87
C SER A 407 -4.97 -29.46 3.01
N PHE A 408 -4.45 -28.87 1.93
CA PHE A 408 -5.19 -27.94 1.11
C PHE A 408 -5.00 -28.21 -0.38
N PRO A 409 -5.26 -29.46 -0.79
CA PRO A 409 -4.95 -30.02 -2.11
C PRO A 409 -5.40 -29.19 -3.33
N LYS A 410 -6.58 -28.58 -3.28
CA LYS A 410 -7.06 -27.83 -4.44
C LYS A 410 -6.33 -26.50 -4.64
N VAL A 411 -5.54 -26.09 -3.65
CA VAL A 411 -4.77 -24.86 -3.78
C VAL A 411 -3.75 -25.07 -4.90
N ARG A 412 -3.16 -26.26 -4.93
CA ARG A 412 -2.12 -26.56 -5.89
C ARG A 412 -2.72 -26.58 -7.29
N ALA A 413 -3.85 -27.27 -7.44
CA ALA A 413 -4.51 -27.33 -8.74
C ALA A 413 -4.92 -25.94 -9.22
N TRP A 414 -5.34 -25.08 -8.30
CA TRP A 414 -5.67 -23.71 -8.68
C TRP A 414 -4.40 -23.00 -9.12
N ILE A 415 -3.31 -23.21 -8.40
CA ILE A 415 -2.05 -22.59 -8.76
C ILE A 415 -1.60 -23.04 -10.15
N GLU A 416 -1.73 -24.33 -10.43
CA GLU A 416 -1.33 -24.86 -11.72
C GLU A 416 -2.26 -24.39 -12.85
N LYS A 417 -3.55 -24.27 -12.56
CA LYS A 417 -4.51 -23.80 -13.56
C LYS A 417 -4.25 -22.34 -13.90
N THR A 418 -4.14 -21.53 -12.85
CA THR A 418 -3.83 -20.11 -13.03
C THR A 418 -2.59 -19.93 -13.92
N LEU A 419 -1.52 -20.66 -13.62
CA LEU A 419 -0.28 -20.52 -14.38
C LEU A 419 -0.44 -20.96 -15.84
N GLU A 420 -1.10 -22.09 -16.06
CA GLU A 420 -1.32 -22.58 -17.43
C GLU A 420 -2.08 -21.52 -18.22
N GLU A 421 -3.11 -20.97 -17.60
CA GLU A 421 -3.98 -20.02 -18.26
C GLU A 421 -3.25 -18.70 -18.46
N GLY A 422 -2.29 -18.42 -17.59
CA GLY A 422 -1.45 -17.24 -17.71
C GLY A 422 -0.49 -17.33 -18.90
N ARG A 423 0.08 -18.50 -19.12
CA ARG A 423 0.96 -18.72 -20.27
C ARG A 423 0.20 -18.57 -21.59
N ARG A 424 -1.04 -19.04 -21.59
CA ARG A 424 -1.83 -19.09 -22.82
C ARG A 424 -2.34 -17.71 -23.21
N ARG A 425 -2.83 -16.95 -22.24
CA ARG A 425 -3.45 -15.66 -22.52
C ARG A 425 -2.47 -14.51 -22.33
N GLY A 426 -1.40 -14.77 -21.59
CA GLY A 426 -0.40 -13.75 -21.32
C GLY A 426 -0.70 -12.93 -20.08
N TYR A 427 -1.83 -13.18 -19.44
CA TYR A 427 -2.17 -12.47 -18.20
C TYR A 427 -2.93 -13.35 -17.22
N VAL A 428 -2.93 -12.93 -15.95
CA VAL A 428 -3.76 -13.53 -14.93
C VAL A 428 -4.78 -12.47 -14.51
N GLU A 429 -5.80 -12.87 -13.75
CA GLU A 429 -6.86 -11.93 -13.40
C GLU A 429 -7.42 -12.20 -12.00
N THR A 430 -7.97 -11.17 -11.38
CA THR A 430 -8.59 -11.33 -10.08
C THR A 430 -10.00 -11.86 -10.28
N LEU A 431 -10.69 -12.08 -9.17
CA LEU A 431 -12.08 -12.49 -9.16
C LEU A 431 -12.98 -11.55 -9.96
N PHE A 432 -12.65 -10.27 -9.99
CA PHE A 432 -13.47 -9.31 -10.72
C PHE A 432 -12.93 -8.98 -12.13
N GLY A 433 -11.87 -9.66 -12.54
CA GLY A 433 -11.35 -9.49 -13.89
C GLY A 433 -10.22 -8.46 -14.01
N ARG A 434 -9.67 -8.00 -12.89
CA ARG A 434 -8.48 -7.14 -12.97
C ARG A 434 -7.34 -7.97 -13.51
N ARG A 435 -6.62 -7.45 -14.50
CA ARG A 435 -5.57 -8.20 -15.18
C ARG A 435 -4.17 -7.73 -14.80
N ARG A 436 -3.24 -8.67 -14.82
CA ARG A 436 -1.82 -8.37 -14.81
C ARG A 436 -1.17 -9.20 -15.89
N TYR A 437 -0.49 -8.54 -16.82
CA TYR A 437 0.24 -9.26 -17.86
C TYR A 437 1.58 -9.80 -17.31
N VAL A 438 1.83 -11.08 -17.53
CA VAL A 438 3.04 -11.70 -17.01
C VAL A 438 3.73 -12.51 -18.12
N PRO A 439 4.50 -11.81 -18.97
CA PRO A 439 5.07 -12.43 -20.17
C PRO A 439 6.19 -13.43 -19.88
N ASP A 440 6.86 -13.29 -18.73
CA ASP A 440 8.01 -14.14 -18.41
C ASP A 440 7.64 -15.57 -18.00
N LEU A 441 6.36 -15.90 -18.01
CA LEU A 441 5.92 -17.23 -17.64
C LEU A 441 6.49 -18.25 -18.61
N GLU A 442 6.92 -17.77 -19.77
CA GLU A 442 7.48 -18.63 -20.79
C GLU A 442 8.98 -18.36 -21.00
N ALA A 443 9.60 -17.66 -20.05
CA ALA A 443 11.04 -17.45 -20.10
C ALA A 443 11.75 -18.79 -20.04
N ARG A 444 12.89 -18.86 -20.74
CA ARG A 444 13.68 -20.08 -20.85
C ARG A 444 14.77 -20.17 -19.78
N VAL A 445 14.93 -19.11 -19.00
CA VAL A 445 15.82 -19.13 -17.83
C VAL A 445 14.95 -19.46 -16.62
N LYS A 446 15.31 -20.52 -15.87
CA LYS A 446 14.41 -21.05 -14.85
C LYS A 446 14.06 -20.04 -13.75
N SER A 447 15.07 -19.40 -13.18
CA SER A 447 14.83 -18.49 -12.06
C SER A 447 14.00 -17.27 -12.49
N VAL A 448 14.07 -16.87 -13.74
CA VAL A 448 13.23 -15.77 -14.23
C VAL A 448 11.80 -16.28 -14.37
N ARG A 449 11.65 -17.41 -15.02
CA ARG A 449 10.34 -18.03 -15.17
C ARG A 449 9.66 -18.27 -13.82
N GLU A 450 10.43 -18.80 -12.87
CA GLU A 450 9.87 -19.17 -11.57
C GLU A 450 9.56 -17.93 -10.71
N ALA A 451 10.32 -16.86 -10.91
CA ALA A 451 9.96 -15.59 -10.27
C ALA A 451 8.64 -15.13 -10.88
N ALA A 452 8.52 -15.26 -12.20
CA ALA A 452 7.31 -14.82 -12.91
C ALA A 452 6.11 -15.63 -12.43
N GLU A 453 6.31 -16.92 -12.20
CA GLU A 453 5.21 -17.76 -11.76
C GLU A 453 4.71 -17.31 -10.39
N ARG A 454 5.63 -17.00 -9.48
CA ARG A 454 5.23 -16.54 -8.15
C ARG A 454 4.46 -15.22 -8.24
N MET A 455 4.88 -14.32 -9.14
CA MET A 455 4.18 -13.05 -9.28
C MET A 455 2.80 -13.33 -9.85
N ALA A 456 2.74 -14.28 -10.77
CA ALA A 456 1.52 -14.56 -11.52
C ALA A 456 0.42 -15.14 -10.64
N PHE A 457 0.76 -16.10 -9.80
CA PHE A 457 -0.29 -16.72 -9.00
C PHE A 457 -0.55 -15.95 -7.72
N ASN A 458 0.35 -15.05 -7.35
CA ASN A 458 0.09 -14.18 -6.21
C ASN A 458 -0.95 -13.13 -6.56
N MET A 459 -0.91 -12.63 -7.79
CA MET A 459 -1.73 -11.47 -8.19
C MET A 459 -3.25 -11.66 -8.06
N PRO A 460 -3.76 -12.84 -8.45
CA PRO A 460 -5.21 -13.00 -8.26
C PRO A 460 -5.60 -12.93 -6.79
N VAL A 461 -4.75 -13.44 -5.91
CA VAL A 461 -5.05 -13.42 -4.49
C VAL A 461 -4.92 -12.01 -3.91
N GLN A 462 -3.73 -11.45 -3.99
CA GLN A 462 -3.50 -10.10 -3.48
C GLN A 462 -4.42 -9.08 -4.16
N GLY A 463 -4.59 -9.21 -5.47
CA GLY A 463 -5.40 -8.27 -6.21
C GLY A 463 -6.89 -8.35 -5.88
N THR A 464 -7.40 -9.56 -5.62
CA THR A 464 -8.80 -9.73 -5.25
C THR A 464 -9.07 -9.15 -3.87
N ALA A 465 -8.17 -9.41 -2.93
CA ALA A 465 -8.21 -8.74 -1.64
C ALA A 465 -8.29 -7.23 -1.85
N ALA A 466 -7.58 -6.73 -2.85
CA ALA A 466 -7.53 -5.28 -3.10
C ALA A 466 -8.84 -4.81 -3.71
N ASP A 467 -9.37 -5.60 -4.64
CA ASP A 467 -10.67 -5.28 -5.21
C ASP A 467 -11.73 -5.15 -4.09
N LEU A 468 -11.75 -6.13 -3.19
CA LEU A 468 -12.73 -6.19 -2.13
C LEU A 468 -12.63 -4.94 -1.25
N MET A 469 -11.41 -4.57 -0.86
CA MET A 469 -11.22 -3.41 0.01
C MET A 469 -11.66 -2.12 -0.67
N LYS A 470 -11.33 -1.95 -1.95
CA LYS A 470 -11.71 -0.75 -2.70
C LYS A 470 -13.23 -0.65 -2.81
N LEU A 471 -13.86 -1.79 -3.05
CA LEU A 471 -15.30 -1.80 -3.20
C LEU A 471 -15.94 -1.49 -1.84
N ALA A 472 -15.32 -1.99 -0.78
CA ALA A 472 -15.80 -1.71 0.57
C ALA A 472 -15.71 -0.20 0.87
N MET A 473 -14.61 0.43 0.45
CA MET A 473 -14.41 1.86 0.65
C MET A 473 -15.48 2.63 -0.10
N VAL A 474 -15.74 2.22 -1.33
CA VAL A 474 -16.72 2.87 -2.18
C VAL A 474 -18.14 2.80 -1.58
N LYS A 475 -18.50 1.66 -1.00
CA LYS A 475 -19.81 1.50 -0.36
C LYS A 475 -19.84 2.24 0.98
N LEU A 476 -18.74 2.15 1.72
CA LEU A 476 -18.71 2.70 3.06
C LEU A 476 -18.71 4.22 3.07
N PHE A 477 -18.03 4.83 2.12
CA PHE A 477 -17.77 6.27 2.20
C PHE A 477 -19.03 7.15 2.32
N PRO A 478 -20.05 6.93 1.48
CA PRO A 478 -21.25 7.78 1.62
C PRO A 478 -22.08 7.55 2.89
N ARG A 479 -21.99 6.36 3.48
CA ARG A 479 -22.61 6.13 4.78
C ARG A 479 -21.94 6.96 5.87
N LEU A 480 -20.62 7.09 5.81
CA LEU A 480 -19.87 7.88 6.79
C LEU A 480 -20.24 9.35 6.70
N GLU A 481 -20.30 9.87 5.47
CA GLU A 481 -20.68 11.26 5.25
C GLU A 481 -21.94 11.57 6.06
N GLU A 482 -22.94 10.70 5.94
CA GLU A 482 -24.22 10.89 6.61
C GLU A 482 -24.06 10.88 8.13
N MET A 483 -23.17 10.04 8.65
CA MET A 483 -23.00 9.94 10.10
C MET A 483 -22.02 10.96 10.68
N GLY A 484 -21.41 11.77 9.83
CA GLY A 484 -20.47 12.78 10.28
C GLY A 484 -19.07 12.23 10.54
N ALA A 485 -18.81 11.00 10.10
CA ALA A 485 -17.49 10.39 10.29
C ALA A 485 -16.60 10.62 9.07
N ARG A 486 -15.31 10.34 9.24
CA ARG A 486 -14.33 10.57 8.20
C ARG A 486 -13.56 9.30 7.94
N MET A 487 -13.20 9.09 6.67
CA MET A 487 -12.31 8.01 6.32
C MET A 487 -10.93 8.64 6.19
N LEU A 488 -9.94 8.09 6.89
CA LEU A 488 -8.65 8.76 6.95
C LEU A 488 -7.56 8.06 6.16
N LEU A 489 -7.51 6.73 6.30
CA LEU A 489 -6.39 5.93 5.79
C LEU A 489 -6.85 4.55 5.35
N GLN A 490 -6.23 4.05 4.30
CA GLN A 490 -6.36 2.65 3.94
C GLN A 490 -4.97 2.08 4.02
N VAL A 491 -4.86 0.85 4.54
CA VAL A 491 -3.57 0.21 4.66
C VAL A 491 -3.70 -1.24 4.16
N HIS A 492 -4.16 -1.35 2.91
CA HIS A 492 -4.26 -2.60 2.18
C HIS A 492 -5.46 -3.47 2.58
N ASP A 493 -5.53 -3.91 3.84
CA ASP A 493 -6.72 -4.64 4.28
C ASP A 493 -7.30 -4.02 5.56
N GLU A 494 -6.89 -2.79 5.82
CA GLU A 494 -7.29 -2.09 7.01
C GLU A 494 -7.75 -0.69 6.63
N LEU A 495 -8.74 -0.19 7.35
CA LEU A 495 -9.19 1.20 7.22
C LEU A 495 -9.08 1.87 8.58
N VAL A 496 -8.64 3.12 8.60
CA VAL A 496 -8.74 3.92 9.80
C VAL A 496 -9.70 5.08 9.55
N LEU A 497 -10.72 5.18 10.41
CA LEU A 497 -11.72 6.23 10.34
C LEU A 497 -11.58 7.13 11.56
N GLU A 498 -12.19 8.30 11.49
CA GLU A 498 -12.27 9.22 12.61
C GLU A 498 -13.75 9.51 12.82
N ALA A 499 -14.21 9.35 14.06
CA ALA A 499 -15.63 9.55 14.35
C ALA A 499 -15.81 10.37 15.62
N PRO A 500 -16.86 11.19 15.66
CA PRO A 500 -17.16 11.86 16.93
C PRO A 500 -17.32 10.84 18.05
N LYS A 501 -16.81 11.16 19.24
CA LYS A 501 -16.88 10.24 20.39
C LYS A 501 -18.22 9.52 20.53
N GLU A 502 -19.30 10.30 20.57
CA GLU A 502 -20.65 9.77 20.78
C GLU A 502 -21.15 8.87 19.65
N ARG A 503 -20.50 8.92 18.49
CA ARG A 503 -20.91 8.11 17.35
C ARG A 503 -19.93 6.99 17.03
N ALA A 504 -18.81 6.94 17.74
CA ALA A 504 -17.73 6.03 17.39
C ALA A 504 -18.21 4.59 17.32
N GLU A 505 -19.03 4.21 18.28
CA GLU A 505 -19.47 2.82 18.40
C GLU A 505 -20.37 2.42 17.23
N ALA A 506 -21.34 3.27 16.90
CA ALA A 506 -22.23 3.02 15.78
C ALA A 506 -21.44 3.02 14.49
N VAL A 507 -20.42 3.87 14.41
CA VAL A 507 -19.59 3.92 13.21
C VAL A 507 -18.74 2.64 13.06
N ALA A 508 -18.20 2.15 14.17
CA ALA A 508 -17.40 0.92 14.12
C ALA A 508 -18.31 -0.21 13.63
N ARG A 509 -19.49 -0.32 14.22
CA ARG A 509 -20.46 -1.33 13.81
C ARG A 509 -20.75 -1.25 12.33
N LEU A 510 -21.16 -0.07 11.87
CA LEU A 510 -21.57 0.11 10.47
C LEU A 510 -20.45 -0.27 9.50
N ALA A 511 -19.23 0.17 9.81
CA ALA A 511 -18.08 -0.05 8.94
C ALA A 511 -17.73 -1.53 8.89
N LYS A 512 -17.82 -2.18 10.04
CA LYS A 512 -17.53 -3.61 10.14
C LYS A 512 -18.47 -4.44 9.26
N GLU A 513 -19.76 -4.11 9.30
CA GLU A 513 -20.76 -4.86 8.55
C GLU A 513 -20.64 -4.58 7.05
N VAL A 514 -20.36 -3.33 6.68
CA VAL A 514 -20.17 -3.00 5.28
C VAL A 514 -18.96 -3.74 4.73
N MET A 515 -17.87 -3.75 5.48
CA MET A 515 -16.66 -4.44 5.02
C MET A 515 -16.86 -5.96 4.97
N GLU A 516 -17.50 -6.52 6.00
CA GLU A 516 -17.73 -7.97 6.01
C GLU A 516 -18.65 -8.43 4.89
N GLY A 517 -19.62 -7.59 4.52
CA GLY A 517 -20.62 -7.97 3.53
C GLY A 517 -20.35 -7.41 2.14
N VAL A 518 -19.15 -6.90 1.91
CA VAL A 518 -18.87 -6.22 0.65
C VAL A 518 -19.17 -7.09 -0.55
N TYR A 519 -18.89 -8.39 -0.46
CA TYR A 519 -19.07 -9.29 -1.60
C TYR A 519 -18.96 -10.73 -1.07
N PRO A 520 -20.09 -11.32 -0.66
CA PRO A 520 -20.08 -12.63 -0.01
C PRO A 520 -19.35 -13.67 -0.85
N LEU A 521 -18.37 -14.32 -0.24
CA LEU A 521 -17.62 -15.40 -0.88
C LEU A 521 -18.12 -16.74 -0.34
N ALA A 522 -17.43 -17.83 -0.68
CA ALA A 522 -17.80 -19.15 -0.16
C ALA A 522 -17.42 -19.25 1.33
N VAL A 523 -16.65 -18.28 1.81
CA VAL A 523 -16.32 -18.21 3.23
C VAL A 523 -16.70 -16.84 3.76
N PRO A 524 -17.05 -16.76 5.04
CA PRO A 524 -17.35 -15.43 5.60
C PRO A 524 -16.10 -14.57 5.65
N LEU A 525 -16.25 -13.27 5.43
CA LEU A 525 -15.19 -12.32 5.70
C LEU A 525 -15.40 -11.78 7.12
N GLU A 526 -14.34 -11.74 7.90
CA GLU A 526 -14.44 -11.20 9.24
C GLU A 526 -13.53 -10.00 9.40
N VAL A 527 -13.99 -9.01 10.15
CA VAL A 527 -13.23 -7.77 10.37
C VAL A 527 -13.03 -7.54 11.85
N GLU A 528 -11.77 -7.38 12.27
CA GLU A 528 -11.48 -6.98 13.64
C GLU A 528 -11.57 -5.45 13.68
N VAL A 529 -12.17 -4.91 14.74
CA VAL A 529 -12.41 -3.49 14.81
C VAL A 529 -12.05 -2.97 16.20
N GLY A 530 -11.29 -1.89 16.24
CA GLY A 530 -10.88 -1.29 17.50
C GLY A 530 -11.13 0.21 17.49
N ILE A 531 -11.34 0.76 18.67
CA ILE A 531 -11.59 2.19 18.84
C ILE A 531 -10.60 2.75 19.85
N GLY A 532 -10.08 3.94 19.59
CA GLY A 532 -9.17 4.56 20.55
C GLY A 532 -8.72 5.96 20.18
N GLU A 533 -8.05 6.62 21.12
CA GLU A 533 -7.59 7.99 20.93
C GLU A 533 -6.40 8.05 19.99
N ASP A 534 -5.67 6.96 19.88
CA ASP A 534 -4.54 6.91 18.94
C ASP A 534 -4.57 5.61 18.17
N TRP A 535 -3.76 5.53 17.14
CA TRP A 535 -3.83 4.43 16.19
C TRP A 535 -3.46 3.12 16.88
N LEU A 536 -2.43 3.16 17.70
CA LEU A 536 -2.01 1.96 18.42
C LEU A 536 -3.12 1.40 19.31
N SER A 537 -3.87 2.29 19.96
CA SER A 537 -4.90 1.88 20.91
C SER A 537 -6.14 1.37 20.19
N ALA A 538 -6.35 1.83 18.97
CA ALA A 538 -7.47 1.37 18.17
C ALA A 538 -7.27 -0.02 17.57
N LYS A 539 -6.22 -0.73 17.97
CA LYS A 539 -5.99 -2.08 17.45
C LYS A 539 -5.66 -3.08 18.56
N GLU A 540 -6.65 -3.83 19.02
CA GLU A 540 -8.03 -3.72 18.51
C GLU A 540 -9.01 -4.00 19.64
N1 DOC B 12 1.83 -5.76 4.45
C2 DOC B 12 2.31 -6.48 3.30
N3 DOC B 12 3.63 -7.14 3.33
C4 DOC B 12 4.39 -7.05 4.41
C5 DOC B 12 3.91 -6.29 5.64
C6 DOC B 12 2.63 -5.67 5.61
O2 DOC B 12 1.52 -6.58 2.21
N4 DOC B 12 5.70 -7.67 4.39
C1' DOC B 12 0.56 -5.11 4.35
C2' DOC B 12 -0.60 -6.01 4.70
C3' DOC B 12 -0.99 -5.53 6.08
C4' DOC B 12 -0.55 -4.07 6.05
O4' DOC B 12 0.50 -3.97 5.09
C5' DOC B 12 -0.06 -3.51 7.29
O5' DOC B 12 0.88 -4.40 7.93
P DOC B 12 1.53 -4.01 9.30
OP1 DOC B 12 2.23 -5.19 9.86
OP2 DOC B 12 0.43 -3.51 10.31
C1 BMN C 4 8.03 -15.28 0.21
P BMN C 4 13.08 -18.03 -2.04
C2 BMN C 4 9.27 -15.36 0.85
C3 BMN C 4 9.43 -14.79 2.17
C4 BMN C 4 8.37 -14.17 2.78
C5 BMN C 4 7.09 -14.08 2.11
C6 BMN C 4 6.93 -14.63 0.84
C1' BMN C 4 7.90 -15.88 -1.17
C2' BMN C 4 7.91 -14.83 -2.21
C20 BMN C 4 8.52 -13.60 4.08
O3' BMN C 4 9.11 -14.57 -4.12
C21 BMN C 4 9.76 -13.69 4.73
C22 BMN C 4 10.85 -14.32 4.11
C23 BMN C 4 10.70 -14.88 2.84
C3' BMN C 4 9.21 -14.83 -2.77
O37 BMN C 4 5.68 -14.54 0.19
C38 BMN C 4 4.80 -13.48 0.48
C4' BMN C 4 9.69 -16.23 -2.58
O4' BMN C 4 8.98 -16.77 -1.50
C5' BMN C 4 11.14 -16.29 -2.32
O5' BMN C 4 11.58 -17.59 -2.08
OP1 BMN C 4 13.18 -19.49 -1.58
OP2 BMN C 4 13.89 -17.12 -1.06
N1 5SI D . -24.70 -6.89 16.46
C2 5SI D . -24.50 -7.73 15.42
C3 5SI D . -24.73 -7.35 14.09
C4 5SI D . -25.20 -6.07 13.78
C5 5SI D . -25.42 -5.11 14.87
C6 5SI D . -25.14 -5.56 16.26
PA 5SI D . -21.92 -11.70 16.60
PB 5SI D . -20.00 -9.64 16.53
PG 5SI D . -18.07 -11.04 15.07
C1' 5SI D . -24.40 -7.35 17.82
O1A 5SI D . -21.47 -11.82 15.16
O1B 5SI D . -20.54 -9.46 15.13
O1G 5SI D . -17.13 -9.95 14.63
C2' 5SI D . -25.63 -7.86 18.56
O2A 5SI D . -22.10 -12.95 17.42
O2B 5SI D . -19.75 -8.42 17.41
O2G 5SI D . -19.29 -11.21 14.19
C3' 5SI D . -25.13 -9.06 19.35
O3' 5SI D . -24.77 -8.65 20.68
S36 5SI D . -25.36 -4.60 17.52
C37 5SI D . -25.44 -5.68 12.46
C38 5SI D . -25.89 -4.39 12.19
C39 5SI D . -26.10 -3.48 13.22
O3A 5SI D . -20.93 -10.67 17.35
O3B 5SI D . -18.65 -10.50 16.47
O3G 5SI D . -17.39 -12.33 15.45
C4' 5SI D . -23.88 -9.52 18.64
O4' 5SI D . -23.48 -8.44 17.78
C40 5SI D . -25.87 -3.82 14.56
C41 5SI D . -26.14 -3.98 10.76
C5' 5SI D . -24.09 -10.84 17.88
O5' 5SI D . -23.27 -10.82 16.71
N1 5SI E . 0.85 -10.10 3.71
C2 5SI E . 0.91 -9.49 4.90
C3 5SI E . 2.06 -9.46 5.70
C4 5SI E . 3.24 -10.06 5.26
C5 5SI E . 3.24 -10.75 3.96
C6 5SI E . 1.98 -10.76 3.17
PA 5SI E . -2.28 -8.69 7.67
PB 5SI E . -3.84 -11.09 7.91
PG 5SI E . -4.63 -10.69 10.70
C1' 5SI E . -0.44 -10.09 2.97
O1A 5SI E . -3.51 -7.94 8.08
O1B 5SI E . -5.03 -10.28 7.47
O1G 5SI E . -5.73 -11.71 10.94
C2' 5SI E . -1.27 -11.29 3.41
O2A 5SI E . -0.99 -8.43 8.45
O2B 5SI E . -3.55 -12.41 7.23
O2G 5SI E . -5.15 -9.35 10.28
C3' 5SI E . -2.28 -10.71 4.40
O3' 5SI E . -3.51 -11.45 4.40
S36 5SI E . 1.93 -11.50 1.76
C37 5SI E . 4.40 -10.03 6.02
C38 5SI E . 5.54 -10.65 5.54
C39 5SI E . 5.55 -11.31 4.30
O3A 5SI E . -2.46 -10.29 7.68
O3B 5SI E . -3.74 -11.33 9.51
O3G 5SI E . -3.58 -10.58 11.79
C4' 5SI E . -2.48 -9.29 3.91
O4' 5SI E . -1.21 -8.92 3.31
C40 5SI E . 4.40 -11.37 3.52
C41 5SI E . 6.81 -10.62 6.36
C5' 5SI E . -2.91 -8.39 5.09
O5' 5SI E . -1.93 -8.46 6.10
MG MG F . -21.12 -10.71 13.20
C1 GOL G . 8.42 10.36 5.82
O1 GOL G . 9.24 10.96 4.83
C2 GOL G . 8.11 8.93 5.38
O2 GOL G . 7.42 8.95 4.14
C3 GOL G . 7.23 8.21 6.39
O3 GOL G . 6.97 6.94 5.85
C1 GOL H . 6.59 22.15 4.11
O1 GOL H . 7.14 22.06 5.41
C2 GOL H . 7.13 21.03 3.25
O2 GOL H . 7.37 21.50 1.95
C3 GOL H . 6.11 19.90 3.18
O3 GOL H . 6.56 18.90 2.27
C FMT I . -10.96 33.48 -14.51
O1 FMT I . -9.86 33.21 -14.02
O2 FMT I . -11.18 34.51 -15.15
C FMT J . -12.53 16.84 2.95
O1 FMT J . -13.40 15.97 2.86
O2 FMT J . -12.77 18.06 2.98
MG MG K . -5.70 -8.29 8.53
MG MG L . -3.87 -5.52 8.38
C FMT M . -8.63 3.85 23.60
O1 FMT M . -7.78 4.73 23.82
O2 FMT M . -8.40 2.65 23.39
C FMT N . -19.45 14.04 19.52
O1 FMT N . -20.50 14.13 18.87
O2 FMT N . -19.19 13.10 20.29
C FMT O . -17.76 -8.61 -11.85
O1 FMT O . -17.78 -8.10 -12.96
O2 FMT O . -18.69 -8.53 -11.04
C FMT P . 2.97 18.71 -12.53
O1 FMT P . 1.90 19.31 -12.59
O2 FMT P . 4.08 19.15 -12.86
MG MG Q . -14.93 -10.31 16.11
C FMT R . 26.91 2.36 -2.33
O1 FMT R . 25.71 2.50 -2.56
O2 FMT R . 27.38 1.41 -1.70
C FMT S . 1.71 -25.29 -13.89
O1 FMT S . 0.73 -25.67 -14.51
O2 FMT S . 2.02 -25.68 -12.76
C FMT T . 22.36 1.05 5.42
O1 FMT T . 21.34 1.71 5.19
O2 FMT T . 23.23 1.37 6.23
C FMT U . 8.05 -21.23 -8.11
O1 FMT U . 6.85 -21.48 -8.36
O2 FMT U . 8.49 -20.92 -6.99
C FMT V . 0.31 9.83 22.28
O1 FMT V . 0.78 10.00 23.41
O2 FMT V . -0.88 9.60 22.04
MG MG W . 15.33 -0.68 -4.64
C1 GOL X . 9.30 -8.54 -2.05
O1 GOL X . 9.38 -7.13 -2.07
C2 GOL X . 9.41 -9.06 -3.48
O2 GOL X . 10.51 -9.95 -3.56
C3 GOL X . 9.60 -7.91 -4.46
O3 GOL X . 8.35 -7.34 -4.80
C FMT Y . 7.42 -5.82 -9.20
O1 FMT Y . 6.92 -4.79 -9.64
O2 FMT Y . 7.12 -6.95 -9.58
C FMT Z . 9.31 0.07 -5.47
O1 FMT Z . 8.97 -0.78 -4.64
O2 FMT Z . 8.53 0.62 -6.25
C FMT AA . 24.81 13.16 -0.75
O1 FMT AA . 24.22 12.96 -1.81
O2 FMT AA . 25.83 13.86 -0.64
C FMT BA . 24.59 2.86 1.40
O1 FMT BA . 25.47 3.00 0.54
O2 FMT BA . 24.80 2.80 2.62
C1 GOL CA . 18.23 10.63 -1.28
O1 GOL CA . 19.63 10.75 -1.37
C2 GOL CA . 17.87 9.34 -0.55
O2 GOL CA . 17.33 8.41 -1.47
C3 GOL CA . 16.85 9.61 0.55
O3 GOL CA . 17.23 10.73 1.32
C FMT DA . 22.91 12.58 -12.95
O1 FMT DA . 21.72 12.89 -12.83
O2 FMT DA . 23.76 12.83 -12.09
#